data_5FSK
#
_entry.id   5FSK
#
_cell.length_a   60.495
_cell.length_b   65.608
_cell.length_c   36.348
_cell.angle_alpha   90.00
_cell.angle_beta   90.00
_cell.angle_gamma   90.00
#
_symmetry.space_group_name_H-M   'P 21 21 2'
#
loop_
_entity.id
_entity.type
_entity.pdbx_description
1 polymer '7,8-DIHYDRO-8-OXOGUANINE TRIPHOSPHATASE'
2 non-polymer "8-OXO-ADENOSINE-5'-TRIPHOSPHATE"
3 non-polymer 'ACETATE ION'
4 water water
#
_entity_poly.entity_id   1
_entity_poly.type   'polypeptide(L)'
_entity_poly.pdbx_seq_one_letter_code
;GSHMGASRLYTLVLVLQPQRVLLGMKKRGFGAGRWNGFGGKVQEGETIEDGARRELQEESGLTVDALHKVGQIVFEFVGE
PELMDVHVFCTDSIQGTPVESDEMRPCWFQLDQIPFKDMWPDDSYWFPLLLQKKKFHGYFKFQGQDTILDYTLREVDTV
;
_entity_poly.pdbx_strand_id   A
#
loop_
_chem_comp.id
_chem_comp.type
_chem_comp.name
_chem_comp.formula
ACT non-polymer 'ACETATE ION' 'C2 H3 O2 -1'
H6Y non-polymer 8-OXO-ADENOSINE-5'-TRIPHOSPHATE 'C10 H16 N5 O14 P3'
#
# COMPACT_ATOMS: atom_id res chain seq x y z
N ALA A 6 3.20 -16.45 -12.84
CA ALA A 6 4.32 -15.52 -12.91
C ALA A 6 4.04 -14.30 -12.03
N SER A 7 3.81 -14.53 -10.73
CA SER A 7 3.58 -13.40 -9.83
C SER A 7 4.65 -13.34 -8.73
N ARG A 8 4.97 -12.13 -8.29
CA ARG A 8 5.95 -11.88 -7.25
C ARG A 8 5.19 -11.34 -6.04
N LEU A 9 5.52 -11.82 -4.83
CA LEU A 9 4.82 -11.37 -3.63
C LEU A 9 5.30 -10.01 -3.13
N TYR A 10 4.35 -9.11 -2.87
CA TYR A 10 4.64 -7.80 -2.28
C TYR A 10 3.67 -7.56 -1.12
N THR A 11 4.03 -6.61 -0.26
CA THR A 11 3.15 -6.16 0.82
C THR A 11 2.94 -4.66 0.67
N LEU A 12 1.86 -4.17 1.30
CA LEU A 12 1.55 -2.74 1.32
C LEU A 12 0.87 -2.50 2.63
N VAL A 13 1.36 -1.54 3.43
CA VAL A 13 0.81 -1.27 4.77
C VAL A 13 0.28 0.13 4.84
N LEU A 14 -0.97 0.27 5.29
CA LEU A 14 -1.59 1.57 5.49
C LEU A 14 -1.79 1.77 6.99
N VAL A 15 -1.22 2.83 7.54
CA VAL A 15 -1.36 3.16 8.96
C VAL A 15 -2.56 4.11 8.97
N LEU A 16 -3.74 3.55 9.28
CA LEU A 16 -5.03 4.23 9.23
C LEU A 16 -5.60 4.35 10.61
N GLN A 17 -5.70 5.59 11.06
CA GLN A 17 -6.23 5.96 12.37
C GLN A 17 -7.62 6.57 12.17
N PRO A 18 -8.45 6.72 13.22
CA PRO A 18 -9.82 7.19 12.98
C PRO A 18 -9.96 8.50 12.20
N GLN A 19 -8.97 9.40 12.32
CA GLN A 19 -9.02 10.71 11.70
C GLN A 19 -7.97 10.99 10.63
N ARG A 20 -7.01 10.06 10.44
CA ARG A 20 -5.90 10.34 9.54
C ARG A 20 -5.27 9.05 9.02
N VAL A 21 -4.57 9.17 7.89
CA VAL A 21 -3.82 8.07 7.28
C VAL A 21 -2.39 8.54 6.99
N LEU A 22 -1.38 7.66 7.17
CA LEU A 22 0.01 8.04 6.88
C LEU A 22 0.36 7.50 5.50
N LEU A 23 0.96 8.35 4.66
CA LEU A 23 1.42 7.95 3.36
C LEU A 23 2.85 8.44 3.25
N GLY A 24 3.59 7.88 2.31
CA GLY A 24 4.99 8.29 2.12
C GLY A 24 5.23 8.64 0.68
N MET A 25 5.89 9.79 0.47
CA MET A 25 6.23 10.26 -0.88
C MET A 25 7.53 9.52 -1.27
N LYS A 26 7.45 8.70 -2.35
CA LYS A 26 8.59 7.94 -2.85
C LYS A 26 9.57 8.87 -3.54
N LYS A 27 10.83 8.90 -3.12
CA LYS A 27 11.79 9.84 -3.71
C LYS A 27 12.50 9.33 -4.97
N ARG A 28 12.70 8.03 -5.09
CA ARG A 28 13.40 7.48 -6.25
C ARG A 28 12.80 6.14 -6.73
N GLY A 29 13.18 5.73 -7.93
CA GLY A 29 12.72 4.47 -8.50
C GLY A 29 11.36 4.52 -9.17
N PHE A 30 10.79 3.34 -9.42
CA PHE A 30 9.51 3.16 -10.08
C PHE A 30 8.38 3.71 -9.20
N GLY A 31 7.69 4.71 -9.72
CA GLY A 31 6.60 5.35 -9.00
C GLY A 31 7.04 6.50 -8.11
N ALA A 32 8.26 7.00 -8.31
CA ALA A 32 8.73 8.17 -7.55
C ALA A 32 7.79 9.33 -7.84
N GLY A 33 7.56 10.19 -6.85
CA GLY A 33 6.67 11.33 -7.04
C GLY A 33 5.23 11.08 -6.63
N ARG A 34 4.94 9.87 -6.14
CA ARG A 34 3.61 9.53 -5.65
C ARG A 34 3.59 9.20 -4.17
N TRP A 35 2.44 9.48 -3.52
CA TRP A 35 2.23 9.09 -2.14
C TRP A 35 1.76 7.66 -2.14
N ASN A 36 2.41 6.83 -1.37
N ASN A 36 2.44 6.82 -1.37
CA ASN A 36 1.99 5.43 -1.32
CA ASN A 36 2.11 5.39 -1.29
C ASN A 36 2.08 4.90 0.11
C ASN A 36 2.03 4.93 0.15
N GLY A 37 1.53 3.71 0.31
CA GLY A 37 1.64 3.01 1.58
C GLY A 37 3.07 2.50 1.68
N PHE A 38 3.38 1.77 2.74
CA PHE A 38 4.76 1.29 2.96
C PHE A 38 4.84 -0.20 2.64
N GLY A 39 5.79 -0.60 1.83
CA GLY A 39 5.79 -2.00 1.41
C GLY A 39 6.89 -2.34 0.44
N GLY A 40 6.88 -3.57 0.02
CA GLY A 40 7.89 -4.04 -0.92
C GLY A 40 7.87 -5.55 -1.05
N LYS A 41 8.91 -6.10 -1.68
CA LYS A 41 8.97 -7.53 -1.93
C LYS A 41 9.07 -8.36 -0.67
N VAL A 42 8.38 -9.51 -0.60
CA VAL A 42 8.51 -10.42 0.54
C VAL A 42 9.79 -11.22 0.28
N GLN A 43 10.57 -11.45 1.34
CA GLN A 43 11.86 -12.11 1.24
C GLN A 43 11.79 -13.65 1.43
N GLU A 44 12.87 -14.36 1.11
CA GLU A 44 12.93 -15.79 1.31
C GLU A 44 12.83 -16.12 2.81
N GLY A 45 12.00 -17.10 3.16
CA GLY A 45 11.87 -17.57 4.53
C GLY A 45 11.11 -16.67 5.48
N GLU A 46 10.45 -15.64 4.96
CA GLU A 46 9.67 -14.79 5.85
C GLU A 46 8.22 -14.88 5.40
N THR A 47 7.26 -14.81 6.35
CA THR A 47 5.84 -14.89 5.97
C THR A 47 5.45 -13.54 5.35
N ILE A 48 4.29 -13.50 4.70
CA ILE A 48 3.82 -12.24 4.08
C ILE A 48 3.65 -11.16 5.19
N GLU A 49 3.01 -11.52 6.34
CA GLU A 49 2.82 -10.61 7.45
C GLU A 49 4.17 -10.14 8.00
N ASP A 50 5.17 -11.06 8.12
CA ASP A 50 6.51 -10.66 8.58
C ASP A 50 7.11 -9.63 7.63
N GLY A 51 6.97 -9.87 6.34
CA GLY A 51 7.45 -8.93 5.31
C GLY A 51 6.80 -7.57 5.44
N ALA A 52 5.46 -7.53 5.71
CA ALA A 52 4.73 -6.28 5.86
C ALA A 52 5.28 -5.49 7.06
N ARG A 53 5.49 -6.17 8.21
CA ARG A 53 6.00 -5.50 9.42
C ARG A 53 7.41 -4.92 9.15
N ARG A 54 8.26 -5.72 8.49
CA ARG A 54 9.62 -5.28 8.17
C ARG A 54 9.61 -4.09 7.24
N GLU A 55 8.80 -4.14 6.16
CA GLU A 55 8.76 -2.99 5.24
C GLU A 55 8.26 -1.70 5.91
N LEU A 56 7.26 -1.80 6.80
CA LEU A 56 6.78 -0.59 7.46
C LEU A 56 7.95 0.05 8.25
N GLN A 57 8.72 -0.77 8.98
CA GLN A 57 9.87 -0.23 9.75
C GLN A 57 10.92 0.40 8.83
N GLU A 58 11.29 -0.32 7.76
CA GLU A 58 12.33 0.16 6.84
C GLU A 58 11.98 1.47 6.18
N GLU A 59 10.72 1.62 5.78
CA GLU A 59 10.30 2.75 4.99
C GLU A 59 9.72 3.92 5.80
N SER A 60 9.13 3.64 6.99
CA SER A 60 8.53 4.72 7.77
C SER A 60 9.19 4.92 9.12
N GLY A 61 9.95 3.94 9.60
CA GLY A 61 10.54 4.01 10.94
C GLY A 61 9.60 3.55 12.04
N LEU A 62 8.36 3.21 11.67
CA LEU A 62 7.34 2.80 12.66
C LEU A 62 7.41 1.32 12.94
N THR A 63 7.10 0.98 14.20
CA THR A 63 6.97 -0.42 14.62
C THR A 63 5.48 -0.76 14.74
N VAL A 64 5.05 -1.80 14.05
CA VAL A 64 3.66 -2.29 14.16
C VAL A 64 3.68 -3.61 14.91
N ASP A 65 2.69 -3.79 15.77
CA ASP A 65 2.47 -5.04 16.48
C ASP A 65 1.35 -5.73 15.70
N ALA A 66 0.09 -5.28 15.94
CA ALA A 66 -1.09 -5.84 15.31
C ALA A 66 -1.28 -5.33 13.89
N LEU A 67 -1.35 -6.26 12.93
CA LEU A 67 -1.62 -5.95 11.50
C LEU A 67 -2.87 -6.72 11.14
N HIS A 68 -3.71 -6.15 10.27
N HIS A 68 -3.70 -6.16 10.26
CA HIS A 68 -4.91 -6.81 9.78
CA HIS A 68 -4.91 -6.82 9.78
C HIS A 68 -4.86 -6.86 8.27
C HIS A 68 -4.87 -6.86 8.27
N LYS A 69 -5.19 -8.03 7.70
CA LYS A 69 -5.26 -8.20 6.25
C LYS A 69 -6.50 -7.46 5.79
N VAL A 70 -6.38 -6.57 4.79
CA VAL A 70 -7.54 -5.88 4.25
C VAL A 70 -7.75 -6.14 2.76
N GLY A 71 -6.72 -6.56 2.03
CA GLY A 71 -6.94 -6.74 0.59
C GLY A 71 -5.87 -7.50 -0.12
N GLN A 72 -6.15 -7.91 -1.36
CA GLN A 72 -5.14 -8.55 -2.18
C GLN A 72 -5.35 -7.93 -3.54
N ILE A 73 -4.31 -7.28 -4.10
CA ILE A 73 -4.46 -6.66 -5.42
C ILE A 73 -3.36 -7.15 -6.32
N VAL A 74 -3.70 -7.56 -7.55
CA VAL A 74 -2.70 -7.99 -8.53
C VAL A 74 -2.53 -6.87 -9.54
N PHE A 75 -1.28 -6.44 -9.74
CA PHE A 75 -0.97 -5.44 -10.74
C PHE A 75 -0.28 -6.08 -11.91
N GLU A 76 -0.75 -5.77 -13.11
CA GLU A 76 -0.13 -6.15 -14.37
C GLU A 76 0.31 -4.89 -15.07
N PHE A 77 1.56 -4.87 -15.54
CA PHE A 77 2.07 -3.75 -16.35
C PHE A 77 2.28 -4.31 -17.74
N VAL A 78 1.55 -3.79 -18.77
CA VAL A 78 1.72 -4.36 -20.11
C VAL A 78 3.18 -4.28 -20.53
N GLY A 79 3.67 -5.42 -21.05
CA GLY A 79 5.06 -5.53 -21.48
C GLY A 79 6.03 -6.00 -20.41
N GLU A 80 5.57 -6.14 -19.14
CA GLU A 80 6.38 -6.63 -18.02
C GLU A 80 5.90 -8.04 -17.70
N PRO A 81 6.77 -9.05 -17.74
CA PRO A 81 6.30 -10.44 -17.49
C PRO A 81 5.80 -10.71 -16.09
N GLU A 82 6.42 -10.10 -15.07
CA GLU A 82 6.05 -10.37 -13.71
C GLU A 82 4.82 -9.63 -13.22
N LEU A 83 3.84 -10.35 -12.68
CA LEU A 83 2.69 -9.68 -12.02
C LEU A 83 3.08 -9.37 -10.57
N MET A 84 2.54 -8.28 -10.02
CA MET A 84 2.73 -7.96 -8.59
C MET A 84 1.55 -8.48 -7.85
N ASP A 85 1.78 -9.38 -6.90
CA ASP A 85 0.72 -9.93 -6.05
C ASP A 85 0.85 -9.20 -4.73
N VAL A 86 0.03 -8.16 -4.56
CA VAL A 86 0.16 -7.28 -3.40
C VAL A 86 -0.81 -7.61 -2.29
N HIS A 87 -0.27 -7.91 -1.14
CA HIS A 87 -1.05 -8.22 0.05
C HIS A 87 -1.12 -6.96 0.90
N VAL A 88 -2.34 -6.40 1.02
CA VAL A 88 -2.54 -5.11 1.69
C VAL A 88 -2.95 -5.29 3.11
N PHE A 89 -2.33 -4.50 4.02
CA PHE A 89 -2.65 -4.62 5.43
C PHE A 89 -2.92 -3.27 6.00
N CYS A 90 -3.65 -3.23 7.12
N CYS A 90 -3.64 -3.24 7.13
N CYS A 90 -3.64 -3.21 7.11
CA CYS A 90 -3.97 -2.01 7.85
CA CYS A 90 -3.96 -2.04 7.91
CA CYS A 90 -3.83 -1.94 7.81
C CYS A 90 -3.61 -2.14 9.32
C CYS A 90 -3.47 -2.18 9.32
C CYS A 90 -3.54 -2.13 9.29
N THR A 91 -3.20 -1.04 9.96
CA THR A 91 -2.92 -0.99 11.41
C THR A 91 -3.42 0.37 11.91
N ASP A 92 -3.90 0.42 13.15
CA ASP A 92 -4.25 1.68 13.79
C ASP A 92 -3.34 1.80 15.02
N SER A 93 -2.61 0.69 15.34
CA SER A 93 -1.71 0.48 16.49
C SER A 93 -0.22 0.39 16.11
N ILE A 94 0.46 1.51 16.31
CA ILE A 94 1.87 1.71 15.98
C ILE A 94 2.65 2.36 17.12
N GLN A 95 3.99 2.25 17.05
CA GLN A 95 4.94 2.88 17.99
C GLN A 95 6.02 3.56 17.18
N GLY A 96 6.56 4.64 17.74
CA GLY A 96 7.56 5.45 17.07
C GLY A 96 6.91 6.64 16.38
N THR A 97 7.75 7.46 15.77
CA THR A 97 7.36 8.64 15.01
C THR A 97 7.82 8.40 13.57
N PRO A 98 7.08 8.85 12.55
CA PRO A 98 7.54 8.63 11.18
C PRO A 98 8.84 9.36 10.90
N VAL A 99 9.72 8.67 10.17
CA VAL A 99 11.09 9.13 9.88
C VAL A 99 11.24 9.44 8.38
N GLU A 100 11.73 10.64 8.03
CA GLU A 100 12.04 10.94 6.63
C GLU A 100 13.41 10.42 6.31
N SER A 101 13.54 9.72 5.17
CA SER A 101 14.83 9.22 4.74
C SER A 101 15.12 9.65 3.31
N ASP A 102 16.28 9.22 2.79
CA ASP A 102 16.65 9.51 1.41
C ASP A 102 15.66 8.89 0.42
N GLU A 103 14.95 7.86 0.84
CA GLU A 103 14.05 7.14 -0.04
C GLU A 103 12.58 7.54 0.08
N MET A 104 12.18 8.04 1.25
CA MET A 104 10.76 8.23 1.49
C MET A 104 10.49 9.41 2.42
N ARG A 105 9.43 10.19 2.15
CA ARG A 105 9.03 11.29 3.00
C ARG A 105 7.61 11.02 3.55
N PRO A 106 7.49 10.73 4.86
N PRO A 106 7.43 10.33 4.72
CA PRO A 106 6.16 10.49 5.42
CA PRO A 106 6.06 10.14 5.25
C PRO A 106 5.37 11.76 5.69
C PRO A 106 5.39 11.44 5.71
N CYS A 107 4.07 11.59 5.66
N CYS A 107 4.06 11.52 5.49
CA CYS A 107 3.15 12.65 5.98
CA CYS A 107 3.21 12.65 5.91
C CYS A 107 1.79 12.11 6.34
C CYS A 107 1.82 12.11 6.33
N TRP A 108 1.20 12.72 7.36
CA TRP A 108 -0.16 12.36 7.76
C TRP A 108 -1.14 13.16 6.92
N PHE A 109 -2.24 12.48 6.51
CA PHE A 109 -3.33 13.15 5.79
C PHE A 109 -4.68 12.96 6.48
N GLN A 110 -5.44 14.05 6.60
CA GLN A 110 -6.82 13.95 7.07
C GLN A 110 -7.58 13.13 6.03
N LEU A 111 -8.57 12.35 6.46
CA LEU A 111 -9.28 11.44 5.56
C LEU A 111 -10.03 12.09 4.41
N ASP A 112 -10.40 13.37 4.56
CA ASP A 112 -11.10 14.11 3.53
C ASP A 112 -10.12 14.92 2.65
N GLN A 113 -8.77 14.73 2.85
CA GLN A 113 -7.71 15.42 2.10
C GLN A 113 -6.66 14.40 1.55
N ILE A 114 -7.11 13.19 1.23
CA ILE A 114 -6.21 12.17 0.64
C ILE A 114 -5.80 12.65 -0.76
N PRO A 115 -4.49 12.71 -1.04
CA PRO A 115 -4.01 13.35 -2.27
C PRO A 115 -4.08 12.44 -3.50
N PHE A 116 -5.30 12.06 -3.90
CA PHE A 116 -5.51 11.11 -5.01
C PHE A 116 -4.84 11.51 -6.32
N LYS A 117 -4.78 12.82 -6.63
CA LYS A 117 -4.15 13.31 -7.86
C LYS A 117 -2.64 13.00 -7.86
N ASP A 118 -2.04 12.81 -6.66
CA ASP A 118 -0.63 12.48 -6.55
C ASP A 118 -0.41 11.06 -6.01
N MET A 119 -1.34 10.14 -6.32
CA MET A 119 -1.23 8.73 -5.92
C MET A 119 -1.42 7.86 -7.18
N TRP A 120 -1.09 6.58 -7.05
CA TRP A 120 -1.33 5.68 -8.18
C TRP A 120 -2.84 5.73 -8.51
N PRO A 121 -3.18 5.70 -9.81
CA PRO A 121 -4.60 5.81 -10.19
C PRO A 121 -5.52 4.75 -9.58
N ASP A 122 -4.98 3.56 -9.31
CA ASP A 122 -5.82 2.49 -8.74
C ASP A 122 -6.32 2.82 -7.34
N ASP A 123 -5.60 3.68 -6.60
CA ASP A 123 -6.06 4.02 -5.24
C ASP A 123 -7.45 4.62 -5.21
N SER A 124 -7.84 5.38 -6.26
CA SER A 124 -9.18 6.00 -6.25
C SER A 124 -10.32 4.94 -6.23
N TYR A 125 -10.00 3.70 -6.66
CA TYR A 125 -10.97 2.60 -6.69
C TYR A 125 -11.09 1.90 -5.35
N TRP A 126 -9.96 1.53 -4.73
CA TRP A 126 -10.05 0.72 -3.52
C TRP A 126 -9.87 1.47 -2.21
N PHE A 127 -9.21 2.66 -2.23
CA PHE A 127 -9.07 3.41 -0.98
C PHE A 127 -10.40 3.68 -0.33
N PRO A 128 -11.48 4.08 -1.08
CA PRO A 128 -12.81 4.29 -0.46
C PRO A 128 -13.32 3.04 0.28
N LEU A 129 -12.95 1.82 -0.19
CA LEU A 129 -13.33 0.58 0.50
C LEU A 129 -12.51 0.45 1.79
N LEU A 130 -11.20 0.71 1.69
CA LEU A 130 -10.31 0.62 2.86
C LEU A 130 -10.86 1.55 3.99
N LEU A 131 -11.25 2.80 3.63
CA LEU A 131 -11.73 3.81 4.62
C LEU A 131 -13.00 3.41 5.33
N GLN A 132 -13.83 2.59 4.67
CA GLN A 132 -15.06 2.10 5.23
C GLN A 132 -14.92 0.72 5.85
N LYS A 133 -13.66 0.29 6.08
CA LYS A 133 -13.33 -0.98 6.75
C LYS A 133 -13.78 -2.21 5.98
N LYS A 134 -13.82 -2.11 4.63
CA LYS A 134 -14.20 -3.24 3.80
C LYS A 134 -12.94 -3.96 3.35
N LYS A 135 -13.11 -5.25 2.99
CA LYS A 135 -12.00 -6.08 2.51
C LYS A 135 -12.20 -6.32 1.04
N PHE A 136 -11.11 -6.53 0.27
CA PHE A 136 -11.30 -6.62 -1.16
C PHE A 136 -10.26 -7.43 -1.91
N HIS A 137 -10.63 -7.88 -3.13
CA HIS A 137 -9.72 -8.50 -4.07
C HIS A 137 -9.79 -7.67 -5.32
N GLY A 138 -8.63 -7.26 -5.82
CA GLY A 138 -8.61 -6.44 -7.03
C GLY A 138 -7.55 -6.83 -8.03
N TYR A 139 -7.72 -6.36 -9.27
CA TYR A 139 -6.74 -6.60 -10.35
C TYR A 139 -6.75 -5.35 -11.18
N PHE A 140 -5.56 -4.80 -11.47
CA PHE A 140 -5.45 -3.61 -12.34
C PHE A 140 -4.43 -3.88 -13.38
N LYS A 141 -4.78 -3.61 -14.67
CA LYS A 141 -3.85 -3.74 -15.79
C LYS A 141 -3.51 -2.33 -16.21
N PHE A 142 -2.22 -2.00 -16.17
CA PHE A 142 -1.73 -0.68 -16.49
C PHE A 142 -0.97 -0.65 -17.79
N GLN A 143 -1.02 0.51 -18.48
CA GLN A 143 -0.15 0.79 -19.62
C GLN A 143 0.72 1.91 -19.07
N GLY A 144 1.99 1.61 -18.81
CA GLY A 144 2.85 2.59 -18.16
C GLY A 144 2.40 2.86 -16.74
N GLN A 145 2.72 4.05 -16.22
CA GLN A 145 2.38 4.33 -14.82
C GLN A 145 1.11 5.15 -14.63
N ASP A 146 0.49 5.64 -15.73
CA ASP A 146 -0.65 6.53 -15.56
C ASP A 146 -1.97 6.02 -16.04
N THR A 147 -2.02 4.95 -16.86
CA THR A 147 -3.28 4.55 -17.47
C THR A 147 -3.75 3.19 -17.03
N ILE A 148 -5.02 3.10 -16.58
CA ILE A 148 -5.60 1.79 -16.23
C ILE A 148 -6.34 1.35 -17.48
N LEU A 149 -5.91 0.23 -18.07
CA LEU A 149 -6.57 -0.31 -19.28
C LEU A 149 -7.82 -1.07 -18.92
N ASP A 150 -7.75 -1.86 -17.81
CA ASP A 150 -8.86 -2.66 -17.31
C ASP A 150 -8.64 -3.03 -15.86
N TYR A 151 -9.73 -3.37 -15.19
CA TYR A 151 -9.60 -3.75 -13.79
C TYR A 151 -10.79 -4.52 -13.37
N THR A 152 -10.65 -5.16 -12.22
CA THR A 152 -11.74 -5.80 -11.50
C THR A 152 -11.53 -5.53 -10.01
N LEU A 153 -12.61 -5.36 -9.28
CA LEU A 153 -12.53 -5.09 -7.85
C LEU A 153 -13.78 -5.60 -7.18
N ARG A 154 -13.60 -6.48 -6.19
CA ARG A 154 -14.75 -7.00 -5.47
C ARG A 154 -14.52 -7.05 -4.00
N GLU A 155 -15.59 -6.79 -3.21
CA GLU A 155 -15.52 -6.89 -1.77
C GLU A 155 -15.59 -8.36 -1.37
N VAL A 156 -14.85 -8.70 -0.32
CA VAL A 156 -14.83 -10.10 0.14
C VAL A 156 -14.98 -10.10 1.65
N ASP A 157 -15.31 -11.27 2.20
CA ASP A 157 -15.40 -11.41 3.65
C ASP A 157 -14.08 -11.91 4.23
N THR A 158 -13.30 -12.68 3.44
CA THR A 158 -12.00 -13.23 3.86
C THR A 158 -11.01 -12.84 2.79
N VAL A 159 -9.91 -12.21 3.19
CA VAL A 159 -8.87 -11.80 2.23
C VAL A 159 -8.06 -13.03 1.77
PG H6Y B . 12.12 -2.45 -0.92
O1G H6Y B . 12.76 -3.06 0.26
O2G H6Y B . 13.08 -1.58 -1.74
O3G H6Y B . 10.85 -1.63 -0.57
PB H6Y B . 11.02 -3.50 -3.33
O1B H6Y B . 10.22 -4.68 -3.70
O2B H6Y B . 12.07 -3.20 -4.37
O3B H6Y B . 11.63 -3.64 -1.87
PA H6Y B . 9.31 -1.18 -3.99
O1A H6Y B . 8.98 -0.08 -3.05
O2A H6Y B . 10.24 -0.69 -5.11
O3A H6Y B . 10.03 -2.28 -3.09
O5' H6Y B . 8.10 -1.93 -4.67
C5' H6Y B . 6.75 -1.51 -4.45
C4' H6Y B . 6.23 -0.86 -5.70
O4' H6Y B . 4.81 -0.67 -5.59
C3' H6Y B . 6.83 0.51 -6.05
O3' H6Y B . 7.23 0.51 -7.42
C2' H6Y B . 5.66 1.48 -5.79
O2' H6Y B . 5.70 2.58 -6.69
C1' H6Y B . 4.49 0.58 -6.15
N9 H6Y B . 3.15 0.94 -5.69
C8 H6Y B . 2.81 1.37 -4.39
O8 H6Y B . 3.59 1.56 -3.46
N7 H6Y B . 1.45 1.53 -4.37
C5 H6Y B . 0.94 1.18 -5.60
C6 H6Y B . -0.33 1.16 -6.22
N6 H6Y B . -1.43 1.52 -5.57
N1 H6Y B . -0.44 0.78 -7.52
C2 H6Y B . 0.66 0.42 -8.18
C4 H6Y B . 2.01 0.80 -6.45
N3 H6Y B . 1.92 0.40 -7.73
C ACT C . -0.88 2.99 -2.14
O ACT C . -1.67 2.56 -3.03
OXT ACT C . 0.35 2.75 -2.08
CH3 ACT C . -1.50 3.87 -1.07
#